data_8YLG
#
_entry.id   8YLG
#
_cell.length_a   62.554
_cell.length_b   101.580
_cell.length_c   109.170
_cell.angle_alpha   90.000
_cell.angle_beta   90.000
_cell.angle_gamma   90.000
#
_symmetry.space_group_name_H-M   'P 21 21 21'
#
loop_
_entity.id
_entity.type
_entity.pdbx_description
1 polymer 'MarR family transcriptional regulator'
2 polymer 'DNA (28-MER)'
3 polymer 'DNA (28-MER)'
4 water water
#
loop_
_entity_poly.entity_id
_entity_poly.type
_entity_poly.pdbx_seq_one_letter_code
_entity_poly.pdbx_strand_id
1 'polypeptide(L)'
;SAKDPMDRAAHAVEQWRSERPDLDPSSMIVLGRLQEAALVIARDRLNPLFARYGLQPGEFDVLATLRRSGAPYALTPTAL
YDAAMISSGSMTNRIDRLEKAGWVERRANPADGRGTLVALTSAGRALIDDAVVAHVDNQRRVLSALSAAEQRQLAKLLDK
LLQGQAAEG
;
A,B
2 'polydeoxyribonucleotide'
;(DC)(DG)(DA)(DC)(DA)(DT)(DG)(DT)(DC)(DT)(DC)(DT)(DA)(DC)(DG)(DT)(DC)(DA)(DA)(DG)
(DA)(DT)(DA)(DA)(DC)(DT)(DT)(DG)
;
C
3 'polydeoxyribonucleotide'
;(DC)(DA)(DA)(DG)(DT)(DT)(DA)(DT)(DC)(DT)(DT)(DG)(DA)(DC)(DG)(DT)(DA)(DG)(DA)(DG)
(DA)(DC)(DA)(DT)(DG)(DT)(DC)(DG)
;
D
#
loop_
_chem_comp.id
_chem_comp.type
_chem_comp.name
_chem_comp.formula
DA DNA linking 2'-DEOXYADENOSINE-5'-MONOPHOSPHATE 'C10 H14 N5 O6 P'
DC DNA linking 2'-DEOXYCYTIDINE-5'-MONOPHOSPHATE 'C9 H14 N3 O7 P'
DG DNA linking 2'-DEOXYGUANOSINE-5'-MONOPHOSPHATE 'C10 H14 N5 O7 P'
DT DNA linking THYMIDINE-5'-MONOPHOSPHATE 'C10 H15 N2 O8 P'
#
# COMPACT_ATOMS: atom_id res chain seq x y z
N MET A 6 -11.74 2.69 -19.30
CA MET A 6 -10.60 1.93 -18.82
C MET A 6 -9.84 2.68 -17.74
N ASP A 7 -9.57 2.01 -16.62
CA ASP A 7 -8.77 2.63 -15.57
C ASP A 7 -7.29 2.45 -15.88
N ARG A 8 -6.43 2.85 -14.94
N ARG A 8 -6.43 2.88 -14.93
CA ARG A 8 -4.99 2.79 -15.16
CA ARG A 8 -4.99 2.79 -15.11
C ARG A 8 -4.54 1.35 -15.42
C ARG A 8 -4.56 1.36 -15.42
N ALA A 9 -4.97 0.42 -14.57
CA ALA A 9 -4.51 -0.95 -14.69
C ALA A 9 -4.94 -1.56 -16.02
N ALA A 10 -6.21 -1.37 -16.39
CA ALA A 10 -6.72 -1.93 -17.64
C ALA A 10 -5.99 -1.35 -18.85
N HIS A 11 -5.74 -0.03 -18.83
CA HIS A 11 -5.04 0.58 -19.96
C HIS A 11 -3.61 0.07 -20.07
N ALA A 12 -2.92 -0.05 -18.93
CA ALA A 12 -1.56 -0.59 -18.94
C ALA A 12 -1.54 -2.01 -19.51
N VAL A 13 -2.52 -2.83 -19.17
CA VAL A 13 -2.58 -4.18 -19.71
C VAL A 13 -2.79 -4.16 -21.23
N GLU A 14 -3.66 -3.28 -21.71
CA GLU A 14 -3.85 -3.16 -23.16
C GLU A 14 -2.54 -2.76 -23.85
N GLN A 15 -1.77 -1.86 -23.24
CA GLN A 15 -0.48 -1.49 -23.83
C GLN A 15 0.44 -2.71 -23.89
N TRP A 16 0.53 -3.48 -22.79
CA TRP A 16 1.40 -4.65 -22.78
C TRP A 16 0.93 -5.71 -23.78
N ARG A 17 -0.39 -5.91 -23.90
CA ARG A 17 -0.88 -6.87 -24.89
C ARG A 17 -0.43 -6.47 -26.29
N SER A 18 -0.38 -5.17 -26.55
CA SER A 18 0.07 -4.71 -27.86
C SER A 18 1.57 -4.85 -28.02
N GLU A 19 2.34 -4.46 -27.00
CA GLU A 19 3.80 -4.36 -27.10
C GLU A 19 4.52 -5.68 -26.86
N ARG A 20 3.95 -6.59 -26.08
CA ARG A 20 4.56 -7.88 -25.79
C ARG A 20 3.48 -8.94 -25.95
N PRO A 21 3.10 -9.26 -27.19
CA PRO A 21 2.07 -10.29 -27.39
C PRO A 21 2.51 -11.68 -26.94
N ASP A 22 3.80 -11.88 -26.67
CA ASP A 22 4.25 -13.15 -26.14
C ASP A 22 3.91 -13.33 -24.66
N LEU A 23 3.41 -12.29 -24.01
CA LEU A 23 3.15 -12.27 -22.57
C LEU A 23 1.65 -12.20 -22.29
N ASP A 24 1.20 -12.87 -21.24
CA ASP A 24 -0.15 -12.68 -20.76
C ASP A 24 -0.09 -11.82 -19.51
N PRO A 25 -0.36 -10.52 -19.59
CA PRO A 25 -0.17 -9.63 -18.44
C PRO A 25 -1.44 -9.42 -17.62
N SER A 26 -2.42 -10.31 -17.79
CA SER A 26 -3.74 -10.13 -17.17
C SER A 26 -3.65 -9.92 -15.67
N SER A 27 -2.73 -10.63 -14.99
CA SER A 27 -2.56 -10.53 -13.54
C SER A 27 -2.33 -9.09 -13.08
N MET A 28 -1.88 -8.21 -13.98
CA MET A 28 -1.60 -6.84 -13.62
C MET A 28 -2.85 -6.09 -13.21
N ILE A 29 -4.02 -6.51 -13.69
CA ILE A 29 -5.24 -5.76 -13.41
C ILE A 29 -5.58 -5.86 -11.92
N VAL A 30 -5.69 -7.08 -11.41
CA VAL A 30 -6.08 -7.24 -10.01
C VAL A 30 -5.02 -6.66 -9.08
N LEU A 31 -3.75 -6.96 -9.32
CA LEU A 31 -2.72 -6.49 -8.39
C LEU A 31 -2.47 -5.00 -8.53
N GLY A 32 -2.59 -4.46 -9.75
CA GLY A 32 -2.52 -3.02 -9.92
C GLY A 32 -3.65 -2.28 -9.21
N ARG A 33 -4.86 -2.83 -9.29
CA ARG A 33 -5.98 -2.18 -8.61
C ARG A 33 -5.87 -2.31 -7.09
N LEU A 34 -5.34 -3.44 -6.62
CA LEU A 34 -5.10 -3.60 -5.18
C LEU A 34 -4.14 -2.53 -4.66
N GLN A 35 -3.01 -2.37 -5.35
CA GLN A 35 -2.02 -1.36 -4.97
C GLN A 35 -2.62 0.04 -5.04
N GLU A 36 -3.32 0.34 -6.13
CA GLU A 36 -3.89 1.68 -6.31
C GLU A 36 -4.95 1.97 -5.25
N ALA A 37 -5.82 1.00 -4.97
CA ALA A 37 -6.85 1.20 -3.94
C ALA A 37 -6.23 1.47 -2.58
N ALA A 38 -5.22 0.69 -2.19
CA ALA A 38 -4.60 0.93 -0.88
C ALA A 38 -4.00 2.32 -0.81
N LEU A 39 -3.32 2.73 -1.89
CA LEU A 39 -2.67 4.03 -1.92
C LEU A 39 -3.70 5.17 -1.85
N VAL A 40 -4.71 5.10 -2.72
CA VAL A 40 -5.66 6.22 -2.82
C VAL A 40 -6.48 6.34 -1.56
N ILE A 41 -6.95 5.22 -1.02
CA ILE A 41 -7.78 5.26 0.18
C ILE A 41 -7.00 5.83 1.36
N ALA A 42 -5.73 5.41 1.52
CA ALA A 42 -4.91 5.97 2.59
C ALA A 42 -4.62 7.46 2.36
N ARG A 43 -4.16 7.81 1.15
CA ARG A 43 -3.74 9.17 0.85
C ARG A 43 -4.90 10.15 0.88
N ASP A 44 -5.99 9.83 0.19
CA ASP A 44 -7.07 10.78 0.00
C ASP A 44 -8.18 10.71 1.03
N ARG A 45 -8.36 9.58 1.71
CA ARG A 45 -9.51 9.42 2.59
C ARG A 45 -9.09 9.29 4.05
N LEU A 46 -8.25 8.32 4.38
CA LEU A 46 -8.00 8.01 5.78
C LEU A 46 -7.00 8.96 6.41
N ASN A 47 -5.85 9.16 5.76
CA ASN A 47 -4.79 9.96 6.38
C ASN A 47 -5.19 11.40 6.66
N PRO A 48 -5.94 12.11 5.80
CA PRO A 48 -6.33 13.47 6.18
C PRO A 48 -7.10 13.52 7.50
N LEU A 49 -7.93 12.50 7.79
CA LEU A 49 -8.64 12.51 9.07
C LEU A 49 -7.66 12.40 10.22
N PHE A 50 -6.70 11.46 10.15
CA PHE A 50 -5.71 11.35 11.22
C PHE A 50 -4.98 12.68 11.43
N ALA A 51 -4.64 13.36 10.32
CA ALA A 51 -3.91 14.62 10.42
C ALA A 51 -4.70 15.68 11.17
N ARG A 52 -6.03 15.67 11.08
CA ARG A 52 -6.82 16.66 11.82
C ARG A 52 -6.72 16.44 13.32
N TYR A 53 -6.41 15.22 13.75
CA TYR A 53 -6.14 14.91 15.14
C TYR A 53 -4.67 15.06 15.49
N GLY A 54 -3.86 15.56 14.56
CA GLY A 54 -2.43 15.74 14.79
C GLY A 54 -1.61 14.49 14.66
N LEU A 55 -2.12 13.46 13.98
CA LEU A 55 -1.48 12.15 13.95
C LEU A 55 -1.06 11.78 12.54
N GLN A 56 0.13 11.20 12.43
CA GLN A 56 0.48 10.44 11.24
C GLN A 56 -0.29 9.12 11.26
N PRO A 57 -0.49 8.50 10.10
CA PRO A 57 -1.21 7.22 10.11
C PRO A 57 -0.58 6.19 11.03
N GLY A 58 0.76 6.10 11.03
CA GLY A 58 1.42 5.13 11.89
C GLY A 58 1.25 5.45 13.36
N GLU A 59 1.13 6.75 13.68
CA GLU A 59 0.87 7.17 15.06
C GLU A 59 -0.53 6.81 15.50
N PHE A 60 -1.53 7.08 14.65
CA PHE A 60 -2.89 6.59 14.92
C PHE A 60 -2.88 5.08 15.15
N ASP A 61 -2.11 4.35 14.35
CA ASP A 61 -2.12 2.90 14.48
C ASP A 61 -1.58 2.46 15.83
N VAL A 62 -0.52 3.09 16.32
CA VAL A 62 0.02 2.73 17.63
C VAL A 62 -1.02 3.00 18.71
N LEU A 63 -1.62 4.19 18.69
CA LEU A 63 -2.63 4.48 19.71
C LEU A 63 -3.80 3.49 19.64
N ALA A 64 -4.23 3.14 18.42
CA ALA A 64 -5.36 2.21 18.28
C ALA A 64 -4.99 0.82 18.82
N THR A 65 -3.79 0.36 18.51
CA THR A 65 -3.34 -0.95 18.99
C THR A 65 -3.26 -0.97 20.51
N LEU A 66 -2.73 0.10 21.11
CA LEU A 66 -2.70 0.21 22.58
C LEU A 66 -4.12 0.19 23.15
N ARG A 67 -5.02 1.00 22.58
CA ARG A 67 -6.37 1.13 23.13
C ARG A 67 -7.14 -0.18 23.04
N ARG A 68 -7.11 -0.83 21.87
CA ARG A 68 -7.91 -2.03 21.69
C ARG A 68 -7.37 -3.21 22.49
N SER A 69 -6.14 -3.13 22.97
CA SER A 69 -5.58 -4.19 23.79
C SER A 69 -6.13 -4.21 25.21
N GLY A 70 -6.85 -3.18 25.63
CA GLY A 70 -7.48 -3.17 26.93
C GLY A 70 -6.56 -2.67 28.02
N ALA A 71 -7.16 -2.37 29.17
CA ALA A 71 -6.40 -1.80 30.28
C ALA A 71 -5.25 -2.73 30.68
N PRO A 72 -4.08 -2.19 31.03
CA PRO A 72 -3.81 -0.75 31.16
C PRO A 72 -3.23 -0.11 29.90
N TYR A 73 -3.63 -0.61 28.72
CA TYR A 73 -3.27 -0.01 27.44
C TYR A 73 -1.75 0.15 27.30
N ALA A 74 -1.03 -0.93 27.59
CA ALA A 74 0.42 -0.92 27.62
C ALA A 74 0.97 -2.14 26.87
N LEU A 75 1.81 -1.89 25.88
CA LEU A 75 2.39 -2.94 25.05
C LEU A 75 3.88 -2.68 24.89
N THR A 76 4.63 -3.75 24.60
CA THR A 76 6.04 -3.57 24.35
C THR A 76 6.24 -3.02 22.94
N PRO A 77 7.37 -2.34 22.70
CA PRO A 77 7.73 -1.99 21.31
C PRO A 77 7.68 -3.16 20.35
N THR A 78 8.14 -4.35 20.78
CA THR A 78 8.11 -5.50 19.89
C THR A 78 6.68 -5.91 19.55
N ALA A 79 5.78 -5.93 20.53
CA ALA A 79 4.40 -6.23 20.23
C ALA A 79 3.83 -5.20 19.27
N LEU A 80 4.22 -3.94 19.43
CA LEU A 80 3.76 -2.89 18.55
C LEU A 80 4.31 -3.06 17.13
N TYR A 81 5.62 -3.29 16.98
CA TYR A 81 6.14 -3.37 15.61
C TYR A 81 5.76 -4.67 14.94
N ASP A 82 5.59 -5.76 15.71
CA ASP A 82 5.03 -6.97 15.10
C ASP A 82 3.63 -6.70 14.58
N ALA A 83 2.81 -6.00 15.37
CA ALA A 83 1.45 -5.68 14.96
C ALA A 83 1.45 -4.74 13.75
N ALA A 84 2.35 -3.76 13.73
CA ALA A 84 2.35 -2.79 12.65
C ALA A 84 3.04 -3.30 11.39
N MET A 85 3.81 -4.38 11.49
CA MET A 85 4.62 -4.90 10.38
C MET A 85 5.60 -3.83 9.88
N ILE A 86 6.28 -3.19 10.81
CA ILE A 86 7.41 -2.32 10.52
C ILE A 86 8.59 -2.79 11.37
N SER A 87 9.75 -2.21 11.10
CA SER A 87 10.98 -2.60 11.78
C SER A 87 11.01 -2.03 13.20
N SER A 88 11.87 -2.63 14.02
CA SER A 88 11.99 -2.16 15.41
C SER A 88 12.39 -0.69 15.45
N GLY A 89 13.36 -0.28 14.63
CA GLY A 89 13.81 1.10 14.65
C GLY A 89 12.73 2.08 14.21
N SER A 90 11.92 1.69 13.23
CA SER A 90 10.83 2.57 12.82
C SER A 90 9.80 2.72 13.94
N MET A 91 9.59 1.66 14.73
CA MET A 91 8.68 1.79 15.86
C MET A 91 9.23 2.72 16.92
N THR A 92 10.55 2.69 17.16
CA THR A 92 11.15 3.66 18.07
C THR A 92 10.75 5.07 17.68
N ASN A 93 10.83 5.38 16.38
CA ASN A 93 10.48 6.71 15.91
C ASN A 93 9.02 7.06 16.18
N ARG A 94 8.09 6.13 15.90
CA ARG A 94 6.68 6.37 16.18
C ARG A 94 6.45 6.64 17.66
N ILE A 95 7.07 5.83 18.51
CA ILE A 95 6.93 6.03 19.95
C ILE A 95 7.53 7.38 20.36
N ASP A 96 8.69 7.74 19.82
CA ASP A 96 9.30 9.03 20.13
C ASP A 96 8.34 10.17 19.82
N ARG A 97 7.73 10.15 18.61
CA ARG A 97 6.80 11.22 18.25
C ARG A 97 5.62 11.29 19.20
N LEU A 98 5.02 10.14 19.50
CA LEU A 98 3.86 10.11 20.39
C LEU A 98 4.22 10.51 21.80
N GLU A 99 5.41 10.11 22.26
CA GLU A 99 5.83 10.46 23.62
C GLU A 99 6.03 11.96 23.74
N LYS A 100 6.71 12.57 22.77
CA LYS A 100 6.92 14.00 22.81
C LYS A 100 5.60 14.76 22.78
N ALA A 101 4.61 14.24 22.03
CA ALA A 101 3.30 14.86 21.93
C ALA A 101 2.45 14.65 23.18
N GLY A 102 2.88 13.77 24.09
CA GLY A 102 2.16 13.52 25.33
C GLY A 102 1.07 12.47 25.25
N TRP A 103 1.03 11.67 24.18
CA TRP A 103 -0.01 10.68 23.98
C TRP A 103 0.35 9.31 24.54
N VAL A 104 1.64 9.01 24.71
CA VAL A 104 2.09 7.76 25.32
C VAL A 104 3.22 8.07 26.29
N GLU A 105 3.54 7.09 27.13
CA GLU A 105 4.62 7.17 28.08
C GLU A 105 5.37 5.84 28.13
N ARG A 106 6.70 5.90 28.15
CA ARG A 106 7.53 4.71 28.30
C ARG A 106 7.79 4.44 29.77
N ARG A 107 7.89 3.16 30.13
CA ARG A 107 8.34 2.76 31.45
C ARG A 107 9.01 1.40 31.31
N ALA A 108 9.80 1.04 32.31
CA ALA A 108 10.50 -0.23 32.26
C ALA A 108 9.52 -1.40 32.27
N ASN A 109 9.80 -2.44 31.49
CA ASN A 109 8.97 -3.63 31.58
C ASN A 109 9.44 -4.47 32.77
N PRO A 110 8.62 -4.63 33.80
CA PRO A 110 9.05 -5.46 34.94
C PRO A 110 9.32 -6.90 34.54
N ALA A 111 8.68 -7.39 33.48
CA ALA A 111 8.85 -8.76 33.05
C ALA A 111 10.17 -9.03 32.34
N ASP A 112 10.88 -8.01 31.89
CA ASP A 112 12.06 -8.24 31.05
C ASP A 112 13.00 -7.04 31.17
N GLY A 113 14.20 -7.28 31.69
CA GLY A 113 15.17 -6.20 31.86
C GLY A 113 15.56 -5.51 30.56
N ARG A 114 15.39 -6.18 29.43
CA ARG A 114 15.65 -5.53 28.15
C ARG A 114 14.51 -4.61 27.74
N GLY A 115 13.37 -4.70 28.42
CA GLY A 115 12.12 -4.25 27.87
C GLY A 115 11.59 -2.92 28.36
N THR A 116 10.65 -2.42 27.57
CA THR A 116 9.92 -1.19 27.80
C THR A 116 8.44 -1.49 27.60
N LEU A 117 7.59 -0.83 28.37
CA LEU A 117 6.16 -0.82 28.12
C LEU A 117 5.79 0.58 27.64
N VAL A 118 5.11 0.65 26.50
CA VAL A 118 4.57 1.90 25.97
C VAL A 118 3.10 1.95 26.39
N ALA A 119 2.72 2.98 27.14
CA ALA A 119 1.37 3.05 27.67
C ALA A 119 0.70 4.33 27.22
N LEU A 120 -0.59 4.23 26.93
CA LEU A 120 -1.40 5.42 26.68
C LEU A 120 -1.36 6.34 27.90
N THR A 121 -1.25 7.65 27.65
CA THR A 121 -1.56 8.60 28.70
C THR A 121 -3.07 8.84 28.71
N SER A 122 -3.56 9.55 29.73
CA SER A 122 -4.98 9.88 29.73
C SER A 122 -5.33 10.71 28.51
N ALA A 123 -4.45 11.64 28.13
CA ALA A 123 -4.69 12.45 26.94
C ALA A 123 -4.65 11.61 25.67
N GLY A 124 -3.69 10.68 25.60
CA GLY A 124 -3.63 9.79 24.44
C GLY A 124 -4.87 8.95 24.32
N ARG A 125 -5.37 8.44 25.44
CA ARG A 125 -6.57 7.62 25.45
C ARG A 125 -7.79 8.43 25.01
N ALA A 126 -7.93 9.66 25.50
CA ALA A 126 -9.04 10.51 25.07
C ALA A 126 -8.98 10.77 23.57
N LEU A 127 -7.77 11.01 23.04
CA LEU A 127 -7.62 11.28 21.62
C LEU A 127 -8.07 10.08 20.77
N ILE A 128 -7.54 8.89 21.05
CA ILE A 128 -7.87 7.74 20.23
C ILE A 128 -9.32 7.32 20.44
N ASP A 129 -9.86 7.49 21.66
CA ASP A 129 -11.28 7.16 21.89
C ASP A 129 -12.19 8.02 21.03
N ASP A 130 -11.78 9.26 20.75
CA ASP A 130 -12.51 10.17 19.88
C ASP A 130 -12.25 9.82 18.41
N ALA A 131 -10.98 9.71 18.03
CA ALA A 131 -10.61 9.52 16.63
C ALA A 131 -11.13 8.20 16.07
N VAL A 132 -11.12 7.12 16.86
CA VAL A 132 -11.53 5.84 16.30
C VAL A 132 -12.97 5.88 15.81
N VAL A 133 -13.85 6.63 16.49
CA VAL A 133 -15.24 6.74 16.03
C VAL A 133 -15.31 7.50 14.71
N ALA A 134 -14.61 8.64 14.62
CA ALA A 134 -14.59 9.35 13.34
C ALA A 134 -13.97 8.50 12.25
N HIS A 135 -12.91 7.76 12.59
CA HIS A 135 -12.24 6.87 11.63
C HIS A 135 -13.18 5.82 11.05
N VAL A 136 -13.91 5.10 11.91
CA VAL A 136 -14.81 4.06 11.41
C VAL A 136 -15.93 4.68 10.57
N ASP A 137 -16.45 5.84 10.97
CA ASP A 137 -17.41 6.54 10.10
C ASP A 137 -16.79 6.81 8.74
N ASN A 138 -15.54 7.30 8.72
CA ASN A 138 -14.81 7.53 7.47
C ASN A 138 -14.66 6.25 6.65
N GLN A 139 -14.26 5.15 7.29
CA GLN A 139 -14.12 3.88 6.58
C GLN A 139 -15.42 3.45 5.93
N ARG A 140 -16.53 3.61 6.64
CA ARG A 140 -17.82 3.20 6.08
C ARG A 140 -18.14 4.03 4.84
N ARG A 141 -17.83 5.33 4.86
CA ARG A 141 -18.05 6.16 3.68
C ARG A 141 -17.15 5.73 2.52
N VAL A 142 -15.88 5.41 2.82
CA VAL A 142 -14.96 4.89 1.81
C VAL A 142 -15.55 3.66 1.11
N LEU A 143 -16.19 2.79 1.87
CA LEU A 143 -16.70 1.52 1.36
C LEU A 143 -18.10 1.61 0.76
N SER A 144 -18.75 2.78 0.85
CA SER A 144 -20.16 2.89 0.50
C SER A 144 -20.46 2.60 -0.98
N ALA A 145 -19.46 2.64 -1.86
CA ALA A 145 -19.72 2.26 -3.24
C ALA A 145 -19.98 0.77 -3.39
N LEU A 146 -19.65 -0.02 -2.37
CA LEU A 146 -19.93 -1.45 -2.36
C LEU A 146 -21.13 -1.76 -1.49
N SER A 147 -21.95 -2.71 -1.94
CA SER A 147 -23.04 -3.18 -1.11
C SER A 147 -22.49 -3.96 0.09
N ALA A 148 -23.35 -4.22 1.06
CA ALA A 148 -22.93 -5.02 2.21
C ALA A 148 -22.39 -6.38 1.75
N ALA A 149 -23.11 -7.04 0.84
CA ALA A 149 -22.66 -8.34 0.35
C ALA A 149 -21.34 -8.21 -0.42
N GLU A 150 -21.17 -7.14 -1.20
CA GLU A 150 -19.93 -6.94 -1.93
C GLU A 150 -18.76 -6.70 -0.99
N GLN A 151 -18.99 -5.95 0.10
CA GLN A 151 -17.93 -5.76 1.09
C GLN A 151 -17.53 -7.09 1.74
N ARG A 152 -18.53 -7.92 2.08
CA ARG A 152 -18.23 -9.22 2.68
C ARG A 152 -17.42 -10.08 1.71
N GLN A 153 -17.79 -10.07 0.44
CA GLN A 153 -17.09 -10.91 -0.53
C GLN A 153 -15.68 -10.39 -0.79
N LEU A 154 -15.50 -9.07 -0.82
CA LEU A 154 -14.16 -8.51 -0.91
C LEU A 154 -13.31 -8.92 0.30
N ALA A 155 -13.90 -8.86 1.49
CA ALA A 155 -13.16 -9.30 2.67
C ALA A 155 -12.73 -10.76 2.57
N LYS A 156 -13.63 -11.61 2.04
CA LYS A 156 -13.31 -13.03 1.90
C LYS A 156 -12.22 -13.25 0.87
N LEU A 157 -12.31 -12.57 -0.27
CA LEU A 157 -11.30 -12.74 -1.32
C LEU A 157 -9.94 -12.28 -0.84
N LEU A 158 -9.89 -11.17 -0.08
CA LEU A 158 -8.61 -10.67 0.44
C LEU A 158 -8.04 -11.62 1.49
N ASP A 159 -8.91 -12.22 2.31
CA ASP A 159 -8.44 -13.20 3.28
C ASP A 159 -7.85 -14.42 2.58
N LYS A 160 -8.52 -14.92 1.54
CA LYS A 160 -7.98 -16.05 0.79
C LYS A 160 -6.63 -15.72 0.19
N LEU A 161 -6.48 -14.51 -0.33
CA LEU A 161 -5.22 -14.08 -0.90
C LEU A 161 -4.13 -13.97 0.17
N LEU A 162 -4.50 -13.45 1.34
CA LEU A 162 -3.53 -13.35 2.44
C LEU A 162 -3.12 -14.72 2.95
N GLN A 163 -4.08 -15.64 3.10
CA GLN A 163 -3.74 -17.00 3.53
C GLN A 163 -2.83 -17.66 2.50
N GLY A 164 -3.04 -17.35 1.22
CA GLY A 164 -2.11 -17.82 0.19
C GLY A 164 -0.68 -17.37 0.45
N GLN A 165 -0.47 -16.11 0.83
CA GLN A 165 0.88 -15.66 1.11
C GLN A 165 1.45 -16.35 2.35
N ALA A 166 0.61 -16.61 3.35
CA ALA A 166 1.03 -17.32 4.55
C ALA A 166 1.40 -18.76 4.21
N MET B 6 -8.39 -16.70 13.24
CA MET B 6 -8.55 -15.27 13.03
C MET B 6 -7.27 -14.61 12.54
N ASP B 7 -7.36 -13.82 11.46
CA ASP B 7 -6.20 -13.09 10.99
C ASP B 7 -6.06 -11.78 11.77
N ARG B 8 -5.08 -10.95 11.37
CA ARG B 8 -4.80 -9.71 12.08
CA ARG B 8 -4.80 -9.73 12.09
C ARG B 8 -6.03 -8.83 12.17
N ALA B 9 -6.69 -8.59 11.02
CA ALA B 9 -7.82 -7.66 10.99
C ALA B 9 -8.99 -8.19 11.82
N ALA B 10 -9.31 -9.48 11.67
CA ALA B 10 -10.40 -10.06 12.44
C ALA B 10 -10.13 -9.99 13.94
N HIS B 11 -8.89 -10.27 14.34
CA HIS B 11 -8.56 -10.20 15.76
C HIS B 11 -8.66 -8.77 16.27
N ALA B 12 -8.16 -7.79 15.49
CA ALA B 12 -8.27 -6.40 15.91
C ALA B 12 -9.73 -6.00 16.09
N VAL B 13 -10.61 -6.45 15.18
CA VAL B 13 -12.03 -6.15 15.31
C VAL B 13 -12.62 -6.78 16.56
N GLU B 14 -12.24 -8.02 16.85
CA GLU B 14 -12.74 -8.66 18.06
C GLU B 14 -12.34 -7.86 19.30
N GLN B 15 -11.11 -7.36 19.34
CA GLN B 15 -10.68 -6.53 20.45
C GLN B 15 -11.54 -5.27 20.57
N TRP B 16 -11.82 -4.60 19.45
CA TRP B 16 -12.63 -3.38 19.48
C TRP B 16 -14.06 -3.67 19.91
N ARG B 17 -14.62 -4.79 19.44
CA ARG B 17 -15.97 -5.16 19.87
C ARG B 17 -16.02 -5.35 21.37
N SER B 18 -14.94 -5.87 21.97
CA SER B 18 -14.90 -6.05 23.41
C SER B 18 -14.72 -4.71 24.13
N GLU B 19 -13.80 -3.87 23.65
CA GLU B 19 -13.40 -2.67 24.36
C GLU B 19 -14.33 -1.48 24.11
N ARG B 20 -14.96 -1.41 22.95
CA ARG B 20 -15.86 -0.32 22.59
C ARG B 20 -17.12 -0.92 21.98
N PRO B 21 -18.01 -1.49 22.81
CA PRO B 21 -19.24 -2.07 22.25
C PRO B 21 -20.17 -1.03 21.67
N ASP B 22 -19.95 0.25 21.96
CA ASP B 22 -20.74 1.33 21.39
C ASP B 22 -20.36 1.62 19.95
N LEU B 23 -19.34 0.94 19.43
CA LEU B 23 -18.77 1.19 18.12
C LEU B 23 -19.00 0.01 17.19
N ASP B 24 -19.26 0.28 15.92
CA ASP B 24 -19.34 -0.77 14.92
C ASP B 24 -18.06 -0.78 14.12
N PRO B 25 -17.10 -1.66 14.41
CA PRO B 25 -15.80 -1.60 13.73
C PRO B 25 -15.72 -2.52 12.53
N SER B 26 -16.87 -2.99 12.06
CA SER B 26 -16.90 -4.02 11.01
C SER B 26 -16.10 -3.61 9.77
N SER B 27 -16.18 -2.32 9.38
CA SER B 27 -15.46 -1.85 8.19
C SER B 27 -13.95 -2.11 8.26
N MET B 28 -13.40 -2.27 9.47
CA MET B 28 -11.96 -2.49 9.62
C MET B 28 -11.50 -3.77 8.95
N ILE B 29 -12.38 -4.74 8.77
CA ILE B 29 -11.97 -6.03 8.23
C ILE B 29 -11.53 -5.89 6.79
N VAL B 30 -12.40 -5.37 5.93
CA VAL B 30 -12.04 -5.29 4.52
C VAL B 30 -10.88 -4.32 4.31
N LEU B 31 -10.90 -3.15 4.97
CA LEU B 31 -9.85 -2.17 4.71
C LEU B 31 -8.52 -2.58 5.34
N GLY B 32 -8.56 -3.21 6.51
CA GLY B 32 -7.33 -3.73 7.09
C GLY B 32 -6.72 -4.81 6.22
N ARG B 33 -7.56 -5.68 5.66
CA ARG B 33 -7.04 -6.74 4.80
C ARG B 33 -6.52 -6.17 3.49
N LEU B 34 -7.19 -5.12 2.97
CA LEU B 34 -6.71 -4.46 1.76
C LEU B 34 -5.31 -3.91 1.98
N GLN B 35 -5.12 -3.17 3.07
CA GLN B 35 -3.82 -2.59 3.40
C GLN B 35 -2.77 -3.68 3.64
N GLU B 36 -3.12 -4.71 4.41
CA GLU B 36 -2.16 -5.77 4.69
C GLU B 36 -1.76 -6.52 3.40
N ALA B 37 -2.74 -6.84 2.55
CA ALA B 37 -2.43 -7.55 1.31
C ALA B 37 -1.49 -6.75 0.42
N ALA B 38 -1.76 -5.45 0.26
CA ALA B 38 -0.91 -4.62 -0.57
C ALA B 38 0.52 -4.58 -0.02
N LEU B 39 0.66 -4.44 1.29
CA LEU B 39 1.98 -4.35 1.91
C LEU B 39 2.73 -5.67 1.80
N VAL B 40 2.07 -6.78 2.17
CA VAL B 40 2.76 -8.06 2.24
C VAL B 40 3.19 -8.53 0.84
N ILE B 41 2.31 -8.37 -0.15
CA ILE B 41 2.65 -8.81 -1.50
C ILE B 41 3.82 -7.99 -2.06
N ALA B 42 3.80 -6.68 -1.84
CA ALA B 42 4.92 -5.86 -2.31
C ALA B 42 6.19 -6.21 -1.56
N ARG B 43 6.10 -6.30 -0.22
CA ARG B 43 7.28 -6.54 0.60
C ARG B 43 7.91 -7.89 0.32
N ASP B 44 7.09 -8.95 0.31
CA ASP B 44 7.64 -10.30 0.30
C ASP B 44 7.80 -10.87 -1.09
N ARG B 45 7.00 -10.42 -2.06
CA ARG B 45 6.99 -11.04 -3.38
C ARG B 45 7.51 -10.11 -4.47
N LEU B 46 6.89 -8.94 -4.64
CA LEU B 46 7.17 -8.12 -5.82
C LEU B 46 8.50 -7.37 -5.68
N ASN B 47 8.69 -6.66 -4.58
CA ASN B 47 9.90 -5.85 -4.44
C ASN B 47 11.19 -6.67 -4.42
N PRO B 48 11.28 -7.84 -3.77
CA PRO B 48 12.53 -8.60 -3.86
C PRO B 48 12.89 -8.98 -5.30
N LEU B 49 11.89 -9.27 -6.14
CA LEU B 49 12.19 -9.59 -7.53
C LEU B 49 12.79 -8.37 -8.24
N PHE B 50 12.19 -7.19 -8.06
CA PHE B 50 12.76 -6.00 -8.67
C PHE B 50 14.19 -5.79 -8.20
N ALA B 51 14.46 -6.01 -6.91
CA ALA B 51 15.80 -5.83 -6.38
C ALA B 51 16.80 -6.80 -7.03
N ARG B 52 16.36 -7.99 -7.41
CA ARG B 52 17.27 -8.93 -8.08
C ARG B 52 17.76 -8.36 -9.41
N TYR B 53 16.95 -7.52 -10.05
CA TYR B 53 17.33 -6.82 -11.26
C TYR B 53 17.98 -5.47 -10.98
N GLY B 54 18.27 -5.16 -9.72
CA GLY B 54 18.88 -3.91 -9.36
C GLY B 54 17.94 -2.72 -9.32
N LEU B 55 16.62 -2.95 -9.21
CA LEU B 55 15.62 -1.90 -9.32
C LEU B 55 14.82 -1.74 -8.03
N GLN B 56 14.58 -0.48 -7.65
CA GLN B 56 13.53 -0.20 -6.70
C GLN B 56 12.18 -0.37 -7.39
N PRO B 57 11.11 -0.62 -6.63
CA PRO B 57 9.80 -0.78 -7.29
C PRO B 57 9.43 0.43 -8.14
N GLY B 58 9.70 1.65 -7.69
CA GLY B 58 9.36 2.82 -8.50
C GLY B 58 10.19 2.91 -9.76
N GLU B 59 11.43 2.41 -9.72
CA GLU B 59 12.28 2.38 -10.92
C GLU B 59 11.76 1.36 -11.92
N PHE B 60 11.41 0.16 -11.46
CA PHE B 60 10.75 -0.80 -12.34
C PHE B 60 9.52 -0.18 -12.99
N ASP B 61 8.71 0.54 -12.20
CA ASP B 61 7.48 1.11 -12.73
CA ASP B 61 7.49 1.11 -12.75
C ASP B 61 7.76 2.09 -13.87
N VAL B 62 8.78 2.95 -13.70
CA VAL B 62 9.11 3.89 -14.76
C VAL B 62 9.55 3.15 -16.02
N LEU B 63 10.47 2.20 -15.88
CA LEU B 63 10.91 1.46 -17.06
C LEU B 63 9.74 0.73 -17.72
N ALA B 64 8.83 0.19 -16.90
CA ALA B 64 7.68 -0.51 -17.46
C ALA B 64 6.76 0.44 -18.22
N THR B 65 6.51 1.62 -17.66
CA THR B 65 5.67 2.63 -18.32
C THR B 65 6.28 3.07 -19.64
N LEU B 66 7.58 3.29 -19.66
CA LEU B 66 8.26 3.62 -20.92
C LEU B 66 8.14 2.48 -21.93
N ARG B 67 8.41 1.25 -21.51
CA ARG B 67 8.42 0.12 -22.45
C ARG B 67 7.03 -0.11 -23.04
N ARG B 68 6.01 -0.10 -22.19
CA ARG B 68 4.66 -0.41 -22.69
C ARG B 68 4.09 0.70 -23.56
N SER B 69 4.68 1.89 -23.54
CA SER B 69 4.20 2.98 -24.40
C SER B 69 4.64 2.82 -25.85
N GLY B 70 5.55 1.89 -26.14
CA GLY B 70 5.97 1.62 -27.51
C GLY B 70 7.11 2.54 -27.96
N ALA B 71 7.71 2.15 -29.07
CA ALA B 71 8.84 2.91 -29.60
C ALA B 71 8.42 4.35 -29.86
N PRO B 72 9.29 5.34 -29.61
CA PRO B 72 10.67 5.13 -29.15
C PRO B 72 10.83 5.11 -27.64
N TYR B 73 9.82 4.66 -26.91
CA TYR B 73 9.89 4.47 -25.45
C TYR B 73 10.36 5.74 -24.76
N ALA B 74 9.71 6.86 -25.09
CA ALA B 74 10.10 8.16 -24.57
C ALA B 74 8.86 8.89 -24.08
N LEU B 75 8.86 9.29 -22.81
CA LEU B 75 7.73 9.97 -22.19
C LEU B 75 8.24 11.16 -21.38
N THR B 76 7.35 12.14 -21.20
CA THR B 76 7.74 13.28 -20.37
C THR B 76 7.72 12.89 -18.89
N PRO B 77 8.48 13.61 -18.06
CA PRO B 77 8.33 13.46 -16.61
C PRO B 77 6.90 13.58 -16.12
N THR B 78 6.12 14.49 -16.71
CA THR B 78 4.72 14.64 -16.31
C THR B 78 3.90 13.42 -16.67
N ALA B 79 4.07 12.89 -17.89
CA ALA B 79 3.35 11.67 -18.24
C ALA B 79 3.71 10.57 -17.26
N LEU B 80 4.98 10.53 -16.86
CA LEU B 80 5.44 9.50 -15.94
C LEU B 80 4.86 9.68 -14.54
N TYR B 81 4.90 10.89 -14.00
CA TYR B 81 4.41 11.03 -12.62
C TYR B 81 2.90 10.93 -12.57
N ASP B 82 2.20 11.35 -13.63
CA ASP B 82 0.75 11.11 -13.68
C ASP B 82 0.46 9.61 -13.67
N ALA B 83 1.20 8.83 -14.47
CA ALA B 83 0.99 7.40 -14.50
C ALA B 83 1.32 6.76 -13.17
N ALA B 84 2.38 7.23 -12.51
CA ALA B 84 2.83 6.63 -11.26
C ALA B 84 2.05 7.11 -10.05
N MET B 85 1.28 8.18 -10.19
CA MET B 85 0.55 8.79 -9.07
C MET B 85 1.51 9.21 -7.95
N ILE B 86 2.63 9.82 -8.32
CA ILE B 86 3.53 10.44 -7.37
C ILE B 86 3.73 11.89 -7.77
N SER B 87 4.41 12.64 -6.91
CA SER B 87 4.63 14.04 -7.17
C SER B 87 5.75 14.23 -8.21
N SER B 88 5.76 15.42 -8.81
CA SER B 88 6.77 15.74 -9.83
C SER B 88 8.18 15.61 -9.26
N GLY B 89 8.41 16.14 -8.06
CA GLY B 89 9.75 16.07 -7.48
C GLY B 89 10.22 14.65 -7.21
N SER B 90 9.31 13.78 -6.80
CA SER B 90 9.67 12.38 -6.61
C SER B 90 10.02 11.72 -7.93
N MET B 91 9.34 12.11 -9.03
CA MET B 91 9.67 11.55 -10.32
C MET B 91 11.06 12.00 -10.78
N THR B 92 11.43 13.25 -10.50
CA THR B 92 12.80 13.69 -10.78
C THR B 92 13.82 12.71 -10.18
N ASN B 93 13.62 12.36 -8.90
CA ASN B 93 14.55 11.45 -8.25
C ASN B 93 14.57 10.09 -8.94
N ARG B 94 13.40 9.55 -9.32
CA ARG B 94 13.38 8.27 -10.01
C ARG B 94 14.15 8.34 -11.32
N ILE B 95 13.93 9.40 -12.10
CA ILE B 95 14.65 9.56 -13.36
C ILE B 95 16.14 9.66 -13.10
N ASP B 96 16.52 10.45 -12.08
CA ASP B 96 17.93 10.61 -11.72
C ASP B 96 18.60 9.26 -11.49
N ARG B 97 17.95 8.39 -10.70
CA ARG B 97 18.53 7.07 -10.39
C ARG B 97 18.68 6.23 -11.65
N LEU B 98 17.64 6.22 -12.49
CA LEU B 98 17.66 5.41 -13.70
C LEU B 98 18.68 5.93 -14.70
N GLU B 99 18.81 7.26 -14.81
CA GLU B 99 19.78 7.84 -15.73
C GLU B 99 21.21 7.53 -15.29
N LYS B 100 21.51 7.70 -14.00
CA LYS B 100 22.84 7.37 -13.50
C LYS B 100 23.16 5.90 -13.75
N ALA B 101 22.16 5.03 -13.65
CA ALA B 101 22.37 3.60 -13.85
C ALA B 101 22.49 3.23 -15.32
N GLY B 102 22.22 4.15 -16.23
CA GLY B 102 22.30 3.89 -17.66
C GLY B 102 21.07 3.27 -18.27
N TRP B 103 19.93 3.30 -17.58
CA TRP B 103 18.72 2.67 -18.09
C TRP B 103 17.84 3.62 -18.89
N VAL B 104 17.97 4.93 -18.66
CA VAL B 104 17.21 5.93 -19.41
C VAL B 104 18.15 7.09 -19.71
N GLU B 105 17.71 7.95 -20.62
CA GLU B 105 18.45 9.13 -21.01
C GLU B 105 17.47 10.29 -21.11
N ARG B 106 17.85 11.44 -20.60
CA ARG B 106 17.04 12.63 -20.76
C ARG B 106 17.42 13.35 -22.05
N ARG B 107 16.43 13.97 -22.67
CA ARG B 107 16.70 14.89 -23.77
C ARG B 107 15.60 15.93 -23.80
N ALA B 108 15.90 17.05 -24.46
CA ALA B 108 14.90 18.11 -24.56
C ALA B 108 13.70 17.63 -25.38
N ASN B 109 12.50 18.02 -24.95
CA ASN B 109 11.29 17.72 -25.70
C ASN B 109 11.13 18.76 -26.80
N PRO B 110 11.19 18.39 -28.09
CA PRO B 110 11.00 19.38 -29.15
C PRO B 110 9.64 20.04 -29.12
N ALA B 111 8.63 19.38 -28.56
CA ALA B 111 7.27 19.92 -28.53
C ALA B 111 7.06 20.98 -27.47
N ASP B 112 7.95 21.12 -26.49
CA ASP B 112 7.69 22.02 -25.37
C ASP B 112 9.02 22.48 -24.78
N GLY B 113 9.27 23.80 -24.85
CA GLY B 113 10.49 24.38 -24.35
C GLY B 113 10.71 24.16 -22.86
N ARG B 114 9.64 23.92 -22.10
CA ARG B 114 9.75 23.60 -20.69
C ARG B 114 10.14 22.16 -20.45
N GLY B 115 10.07 21.32 -21.47
CA GLY B 115 9.93 19.89 -21.31
C GLY B 115 11.18 19.06 -21.57
N THR B 116 11.07 17.82 -21.11
CA THR B 116 12.09 16.79 -21.23
C THR B 116 11.43 15.51 -21.71
N LEU B 117 12.16 14.74 -22.51
CA LEU B 117 11.78 13.37 -22.83
C LEU B 117 12.73 12.43 -22.12
N VAL B 118 12.18 11.48 -21.38
CA VAL B 118 12.93 10.41 -20.74
C VAL B 118 12.75 9.19 -21.61
N ALA B 119 13.86 8.64 -22.12
CA ALA B 119 13.78 7.53 -23.06
C ALA B 119 14.58 6.35 -22.57
N LEU B 120 14.06 5.15 -22.81
CA LEU B 120 14.81 3.92 -22.57
C LEU B 120 16.09 3.91 -23.36
N THR B 121 17.17 3.45 -22.73
CA THR B 121 18.37 3.07 -23.47
C THR B 121 18.23 1.62 -23.93
N SER B 122 19.18 1.18 -24.74
CA SER B 122 19.18 -0.24 -25.15
C SER B 122 19.32 -1.14 -23.93
N ALA B 123 20.21 -0.77 -23.01
CA ALA B 123 20.39 -1.57 -21.80
C ALA B 123 19.13 -1.54 -20.93
N GLY B 124 18.50 -0.36 -20.81
CA GLY B 124 17.26 -0.28 -20.05
C GLY B 124 16.14 -1.10 -20.65
N ARG B 125 15.98 -1.05 -21.99
CA ARG B 125 14.96 -1.87 -22.64
C ARG B 125 15.23 -3.36 -22.42
N ALA B 126 16.49 -3.79 -22.56
CA ALA B 126 16.80 -5.19 -22.32
C ALA B 126 16.46 -5.59 -20.88
N LEU B 127 16.78 -4.72 -19.92
CA LEU B 127 16.50 -5.02 -18.53
C LEU B 127 15.01 -5.21 -18.28
N ILE B 128 14.20 -4.22 -18.67
CA ILE B 128 12.78 -4.31 -18.39
C ILE B 128 12.12 -5.41 -19.20
N ASP B 129 12.61 -5.69 -20.43
CA ASP B 129 12.04 -6.77 -21.21
C ASP B 129 12.20 -8.12 -20.51
N ASP B 130 13.29 -8.31 -19.77
CA ASP B 130 13.43 -9.57 -19.03
C ASP B 130 12.66 -9.50 -17.71
N ALA B 131 12.80 -8.40 -16.97
CA ALA B 131 12.18 -8.28 -15.66
C ALA B 131 10.66 -8.40 -15.73
N VAL B 132 10.04 -7.83 -16.78
CA VAL B 132 8.58 -7.88 -16.86
C VAL B 132 8.09 -9.32 -17.00
N VAL B 133 8.86 -10.18 -17.65
CA VAL B 133 8.44 -11.57 -17.76
C VAL B 133 8.45 -12.24 -16.40
N ALA B 134 9.55 -12.08 -15.66
CA ALA B 134 9.64 -12.64 -14.31
C ALA B 134 8.56 -12.05 -13.41
N HIS B 135 8.31 -10.74 -13.53
CA HIS B 135 7.30 -10.06 -12.75
C HIS B 135 5.92 -10.68 -12.97
N VAL B 136 5.54 -10.90 -14.24
CA VAL B 136 4.24 -11.48 -14.53
C VAL B 136 4.14 -12.90 -13.98
N ASP B 137 5.22 -13.69 -14.14
CA ASP B 137 5.24 -15.01 -13.51
C ASP B 137 5.07 -14.90 -12.00
N ASN B 138 5.74 -13.91 -11.39
CA ASN B 138 5.62 -13.65 -9.96
C ASN B 138 4.20 -13.28 -9.58
N GLN B 139 3.58 -12.38 -10.34
CA GLN B 139 2.21 -11.98 -10.05
C GLN B 139 1.25 -13.16 -10.12
N ARG B 140 1.42 -14.01 -11.14
CA ARG B 140 0.50 -15.15 -11.28
C ARG B 140 0.62 -16.10 -10.11
N ARG B 141 1.84 -16.35 -9.63
CA ARG B 141 1.98 -17.21 -8.46
C ARG B 141 1.34 -16.57 -7.23
N VAL B 142 1.54 -15.26 -7.05
CA VAL B 142 0.88 -14.53 -5.97
C VAL B 142 -0.62 -14.73 -6.00
N LEU B 143 -1.21 -14.69 -7.19
CA LEU B 143 -2.65 -14.78 -7.35
C LEU B 143 -3.17 -16.21 -7.42
N SER B 144 -2.26 -17.20 -7.48
CA SER B 144 -2.65 -18.59 -7.70
C SER B 144 -3.52 -19.15 -6.58
N ALA B 145 -3.55 -18.49 -5.41
CA ALA B 145 -4.47 -18.95 -4.36
C ALA B 145 -5.93 -18.69 -4.73
N LEU B 146 -6.18 -17.83 -5.70
CA LEU B 146 -7.52 -17.54 -6.18
C LEU B 146 -7.76 -18.22 -7.52
N SER B 147 -8.98 -18.72 -7.73
CA SER B 147 -9.34 -19.26 -9.04
C SER B 147 -9.43 -18.12 -10.05
N ALA B 148 -9.50 -18.50 -11.34
CA ALA B 148 -9.67 -17.48 -12.37
C ALA B 148 -10.91 -16.62 -12.10
N ALA B 149 -12.03 -17.27 -11.76
CA ALA B 149 -13.26 -16.51 -11.49
C ALA B 149 -13.10 -15.60 -10.27
N GLU B 150 -12.42 -16.07 -9.22
CA GLU B 150 -12.21 -15.23 -8.05
C GLU B 150 -11.32 -14.03 -8.36
N GLN B 151 -10.29 -14.23 -9.18
CA GLN B 151 -9.45 -13.11 -9.57
C GLN B 151 -10.25 -12.09 -10.37
N ARG B 152 -11.12 -12.55 -11.27
CA ARG B 152 -11.98 -11.62 -12.01
C ARG B 152 -12.92 -10.89 -11.06
N GLN B 153 -13.50 -11.62 -10.10
CA GLN B 153 -14.39 -10.98 -9.14
C GLN B 153 -13.63 -9.97 -8.28
N LEU B 154 -12.42 -10.33 -7.83
CA LEU B 154 -11.62 -9.38 -7.06
C LEU B 154 -11.32 -8.13 -7.86
N ALA B 155 -10.97 -8.30 -9.14
CA ALA B 155 -10.70 -7.16 -10.02
C ALA B 155 -11.93 -6.28 -10.16
N LYS B 156 -13.11 -6.88 -10.29
CA LYS B 156 -14.33 -6.08 -10.44
C LYS B 156 -14.64 -5.32 -9.16
N LEU B 157 -14.52 -6.00 -8.00
CA LEU B 157 -14.82 -5.35 -6.73
C LEU B 157 -13.84 -4.21 -6.46
N LEU B 158 -12.57 -4.41 -6.79
CA LEU B 158 -11.60 -3.34 -6.59
C LEU B 158 -11.85 -2.17 -7.55
N ASP B 159 -12.28 -2.45 -8.78
CA ASP B 159 -12.63 -1.36 -9.71
C ASP B 159 -13.82 -0.56 -9.18
N LYS B 160 -14.84 -1.26 -8.66
CA LYS B 160 -15.98 -0.56 -8.09
C LYS B 160 -15.55 0.30 -6.91
N LEU B 161 -14.66 -0.22 -6.07
CA LEU B 161 -14.19 0.55 -4.92
C LEU B 161 -13.38 1.77 -5.34
N LEU B 162 -12.53 1.61 -6.35
CA LEU B 162 -11.74 2.73 -6.86
C LEU B 162 -12.61 3.79 -7.51
N GLN B 163 -13.62 3.39 -8.28
CA GLN B 163 -14.53 4.37 -8.87
C GLN B 163 -15.29 5.12 -7.79
N GLY B 164 -15.62 4.44 -6.69
CA GLY B 164 -16.23 5.11 -5.56
C GLY B 164 -15.41 6.29 -5.07
N GLN B 165 -14.11 6.14 -5.00
CA GLN B 165 -13.22 7.23 -4.64
C GLN B 165 -13.25 8.28 -5.75
#